data_7G8W
#
_entry.id   7G8W
#
_cell.length_a   71.430
_cell.length_b   71.430
_cell.length_c   196.336
_cell.angle_alpha   90.000
_cell.angle_beta   90.000
_cell.angle_gamma   90.000
#
_symmetry.space_group_name_H-M   'P 43 21 2'
#
loop_
_entity.id
_entity.type
_entity.pdbx_description
1 polymer 'Transforming protein RhoA'
2 polymer 'Rho guanine nucleotide exchange factor 2'
3 non-polymer 4-(5-methyl-1H-pyrazol-4-yl)piperidine
4 non-polymer 'DIMETHYL SULFOXIDE'
5 non-polymer 'FORMIC ACID'
6 water water
#
loop_
_entity_poly.entity_id
_entity_poly.type
_entity_poly.pdbx_seq_one_letter_code
_entity_poly.pdbx_strand_id
1 'polypeptide(L)'
;SMAAIRKKLVIVGDGACGKTCLLIVFSKDQFPEVYVPTVFENYVADIEVDGKQVELALWDTAGQEDYDRLRPLSYPDTDV
ILMCFSIDSPDSLENIPEKWTPEVKHFCPNVPIILVGNKKDLRNDEHTRRELAKMKQEPVKPEEGRDMANRIGAFGYMEC
SAKTKDGVREVFEMATRAALQARRG
;
A
2 'polypeptide(L)'
;SMEMDEKDFAADSWSLAVDSSFLQQHKKEVMKQQDVIYELIQTELHHVRTLKIMTRLFRTGMLEELHLEPGVVQGLFPCV
DELSDIHTRFLSQLLERRRQALCPGSTRNFVIHRLGDLLISQFSGPSAEQMCKTYSEFCSRHSKALKLYKELYARDKRFQ
QFIRKVTRPAVLKRHGVQECILLVTQRITKYPLLISRILQHSHGIEEERQDLTTALGLVKELLSNVDEGIYQLEKGARLQ
EIYNR
;
B
#
loop_
_chem_comp.id
_chem_comp.type
_chem_comp.name
_chem_comp.formula
DMS non-polymer 'DIMETHYL SULFOXIDE' 'C2 H6 O S'
FMT non-polymer 'FORMIC ACID' 'C H2 O2'
Z6I non-polymer 4-(5-methyl-1H-pyrazol-4-yl)piperidine 'C9 H15 N3'
#
# COMPACT_ATOMS: atom_id res chain seq x y z
N ALA A 4 -5.50 -23.45 -8.51
CA ALA A 4 -4.68 -22.58 -7.66
C ALA A 4 -5.43 -22.04 -6.45
N ILE A 5 -4.85 -22.27 -5.28
CA ILE A 5 -5.37 -21.81 -3.99
C ILE A 5 -4.92 -20.34 -3.73
N ARG A 6 -5.71 -19.55 -2.98
CA ARG A 6 -5.36 -18.15 -2.69
C ARG A 6 -4.78 -18.02 -1.27
N LYS A 7 -3.59 -17.42 -1.15
CA LYS A 7 -2.96 -17.21 0.16
C LYS A 7 -2.58 -15.74 0.32
N LYS A 8 -2.50 -15.24 1.56
CA LYS A 8 -2.17 -13.82 1.79
C LYS A 8 -0.86 -13.66 2.58
N LEU A 9 0.03 -12.82 2.07
CA LEU A 9 1.31 -12.53 2.69
C LEU A 9 1.36 -11.05 3.04
N VAL A 10 1.89 -10.74 4.24
CA VAL A 10 2.06 -9.39 4.72
C VAL A 10 3.52 -9.29 5.21
N ILE A 11 4.22 -8.21 4.86
CA ILE A 11 5.57 -8.00 5.33
CA ILE A 11 5.58 -7.97 5.31
C ILE A 11 5.58 -6.87 6.37
N VAL A 12 6.14 -7.16 7.54
CA VAL A 12 6.24 -6.20 8.64
CA VAL A 12 6.25 -6.25 8.67
C VAL A 12 7.73 -5.89 8.92
N GLY A 13 7.99 -4.80 9.63
CA GLY A 13 9.34 -4.38 9.94
C GLY A 13 9.48 -2.87 10.03
N ASP A 14 10.64 -2.38 10.53
CA ASP A 14 10.86 -0.95 10.64
C ASP A 14 10.90 -0.26 9.28
N GLY A 15 10.66 1.05 9.29
CA GLY A 15 10.65 1.90 8.12
C GLY A 15 11.77 1.69 7.12
N ALA A 16 13.02 1.61 7.61
CA ALA A 16 14.14 1.44 6.68
C ALA A 16 14.68 0.00 6.60
N CYS A 17 13.83 -1.00 6.80
CA CYS A 17 14.27 -2.39 6.75
C CYS A 17 14.37 -2.96 5.32
N GLY A 18 13.93 -2.21 4.31
CA GLY A 18 13.94 -2.62 2.91
C GLY A 18 12.79 -3.52 2.47
N LYS A 19 11.64 -3.50 3.18
CA LYS A 19 10.50 -4.35 2.83
CA LYS A 19 10.50 -4.35 2.83
C LYS A 19 9.78 -3.94 1.54
N THR A 20 9.73 -2.62 1.22
CA THR A 20 9.07 -2.19 -0.01
C THR A 20 9.91 -2.63 -1.19
N CYS A 21 11.25 -2.46 -1.11
CA CYS A 21 12.13 -2.87 -2.21
CA CYS A 21 12.12 -2.88 -2.22
C CYS A 21 12.09 -4.38 -2.44
N LEU A 22 11.97 -5.19 -1.36
CA LEU A 22 11.90 -6.64 -1.51
C LEU A 22 10.64 -7.08 -2.33
N LEU A 23 9.47 -6.52 -2.01
CA LEU A 23 8.19 -6.80 -2.71
C LEU A 23 8.23 -6.36 -4.19
N ILE A 24 8.84 -5.20 -4.46
CA ILE A 24 8.98 -4.68 -5.82
C ILE A 24 9.85 -5.60 -6.71
N VAL A 25 11.06 -5.93 -6.22
CA VAL A 25 12.01 -6.79 -6.95
C VAL A 25 11.41 -8.19 -7.21
N PHE A 26 10.66 -8.74 -6.25
CA PHE A 26 10.02 -10.04 -6.47
C PHE A 26 8.90 -9.95 -7.51
N SER A 27 8.01 -8.95 -7.38
CA SER A 27 6.86 -8.79 -8.25
C SER A 27 7.21 -8.45 -9.70
N LYS A 28 8.29 -7.70 -9.93
CA LYS A 28 8.73 -7.40 -11.30
C LYS A 28 9.76 -8.44 -11.82
N ASP A 29 10.34 -9.27 -10.92
CA ASP A 29 11.42 -10.25 -11.14
C ASP A 29 12.66 -9.52 -11.68
N GLN A 30 12.93 -8.33 -11.13
CA GLN A 30 13.99 -7.46 -11.62
C GLN A 30 14.23 -6.33 -10.62
N PHE A 31 15.49 -5.84 -10.50
CA PHE A 31 15.75 -4.65 -9.70
C PHE A 31 15.64 -3.53 -10.74
N PRO A 32 14.62 -2.64 -10.62
CA PRO A 32 14.39 -1.60 -11.65
C PRO A 32 15.60 -0.76 -12.02
N GLU A 33 15.90 -0.76 -13.31
CA GLU A 33 17.04 -0.06 -13.86
C GLU A 33 16.80 1.44 -14.00
N VAL A 34 15.55 1.86 -14.29
CA VAL A 34 15.29 3.28 -14.54
C VAL A 34 14.78 4.02 -13.29
N TYR A 35 13.76 3.48 -12.59
CA TYR A 35 13.20 4.16 -11.44
C TYR A 35 12.79 3.14 -10.39
N VAL A 36 13.17 3.35 -9.11
CA VAL A 36 12.76 2.47 -8.04
C VAL A 36 11.55 3.11 -7.40
N PRO A 37 10.36 2.49 -7.50
CA PRO A 37 9.17 3.10 -6.87
C PRO A 37 9.28 3.38 -5.37
N THR A 38 8.63 4.44 -4.93
CA THR A 38 8.57 4.84 -3.53
C THR A 38 7.64 3.89 -2.76
N VAL A 39 6.53 3.47 -3.40
CA VAL A 39 5.52 2.67 -2.72
C VAL A 39 5.15 1.42 -3.53
N PHE A 40 4.50 0.47 -2.85
CA PHE A 40 4.02 -0.77 -3.43
C PHE A 40 2.52 -0.85 -3.13
N GLU A 41 1.65 -1.02 -4.14
CA GLU A 41 0.21 -1.10 -3.89
C GLU A 41 -0.17 -2.51 -3.39
N ASN A 42 -0.16 -3.49 -4.29
CA ASN A 42 -0.40 -4.90 -3.98
C ASN A 42 -0.06 -5.71 -5.25
N TYR A 43 -0.06 -7.02 -5.13
CA TYR A 43 0.28 -7.88 -6.25
C TYR A 43 -0.22 -9.27 -5.93
N VAL A 44 -0.63 -10.02 -6.95
CA VAL A 44 -1.04 -11.41 -6.77
C VAL A 44 -0.06 -12.23 -7.62
N ALA A 45 0.92 -12.89 -6.97
CA ALA A 45 1.93 -13.64 -7.70
C ALA A 45 1.48 -15.07 -7.98
N ASP A 46 1.77 -15.60 -9.17
CA ASP A 46 1.48 -16.99 -9.48
C ASP A 46 2.75 -17.76 -9.13
N ILE A 47 2.66 -18.63 -8.13
CA ILE A 47 3.80 -19.39 -7.63
CA ILE A 47 3.82 -19.40 -7.71
C ILE A 47 3.50 -20.89 -7.61
N GLU A 48 4.46 -21.74 -8.02
CA GLU A 48 4.30 -23.18 -7.95
CA GLU A 48 4.30 -23.18 -7.93
C GLU A 48 5.43 -23.70 -7.07
N VAL A 49 5.10 -24.18 -5.89
CA VAL A 49 6.09 -24.66 -4.96
C VAL A 49 5.80 -26.11 -4.62
N ASP A 50 6.83 -26.97 -4.78
CA ASP A 50 6.72 -28.41 -4.51
C ASP A 50 5.50 -29.05 -5.19
N GLY A 51 5.20 -28.61 -6.40
CA GLY A 51 4.09 -29.15 -7.17
C GLY A 51 2.71 -28.57 -6.90
N LYS A 52 2.58 -27.59 -5.99
CA LYS A 52 1.26 -27.00 -5.70
C LYS A 52 1.20 -25.57 -6.26
N GLN A 53 0.13 -25.25 -7.01
CA GLN A 53 -0.08 -23.94 -7.59
CA GLN A 53 -0.05 -23.93 -7.57
C GLN A 53 -0.78 -23.01 -6.60
N VAL A 54 -0.18 -21.85 -6.29
CA VAL A 54 -0.76 -20.87 -5.38
C VAL A 54 -0.74 -19.45 -5.97
N GLU A 55 -1.81 -18.69 -5.73
CA GLU A 55 -1.90 -17.28 -6.06
C GLU A 55 -1.57 -16.60 -4.71
N LEU A 56 -0.42 -15.96 -4.57
CA LEU A 56 -0.02 -15.33 -3.32
C LEU A 56 -0.22 -13.81 -3.37
N ALA A 57 -1.19 -13.29 -2.60
CA ALA A 57 -1.41 -11.84 -2.56
C ALA A 57 -0.36 -11.23 -1.65
N LEU A 58 0.34 -10.20 -2.14
CA LEU A 58 1.44 -9.54 -1.44
C LEU A 58 1.06 -8.17 -0.90
N TRP A 59 1.28 -7.95 0.40
CA TRP A 59 1.00 -6.65 1.01
C TRP A 59 2.20 -6.12 1.82
N ASP A 60 2.28 -4.81 1.89
CA ASP A 60 3.30 -4.02 2.56
C ASP A 60 2.64 -3.23 3.72
N THR A 61 3.43 -2.94 4.77
CA THR A 61 2.97 -2.12 5.89
C THR A 61 3.73 -0.77 5.95
N ALA A 62 4.54 -0.44 4.94
CA ALA A 62 5.30 0.81 4.90
C ALA A 62 4.31 1.99 4.92
N GLY A 63 4.61 2.97 5.76
CA GLY A 63 3.74 4.11 5.97
C GLY A 63 2.86 3.96 7.20
N GLN A 64 2.61 2.71 7.62
CA GLN A 64 1.74 2.44 8.76
C GLN A 64 2.48 2.30 10.10
N GLU A 65 3.81 2.39 10.10
CA GLU A 65 4.61 2.18 11.32
C GLU A 65 4.23 3.10 12.51
N ASP A 66 3.86 4.36 12.30
CA ASP A 66 3.50 5.26 13.43
C ASP A 66 2.00 5.29 13.76
N TYR A 67 1.17 4.49 13.07
CA TYR A 67 -0.29 4.56 13.25
C TYR A 67 -0.78 3.23 13.75
N ASP A 68 -0.93 3.14 15.08
CA ASP A 68 -1.25 1.88 15.78
C ASP A 68 -2.67 1.39 15.58
N ARG A 69 -3.59 2.25 15.11
CA ARG A 69 -4.95 1.80 14.83
C ARG A 69 -5.19 1.51 13.34
N LEU A 70 -4.41 2.13 12.45
CA LEU A 70 -4.54 1.90 11.01
C LEU A 70 -3.76 0.63 10.66
N ARG A 71 -2.55 0.45 11.20
CA ARG A 71 -1.69 -0.69 10.88
C ARG A 71 -2.36 -2.09 11.02
N PRO A 72 -3.06 -2.41 12.15
CA PRO A 72 -3.67 -3.73 12.28
C PRO A 72 -4.72 -4.09 11.23
N LEU A 73 -5.21 -3.09 10.46
CA LEU A 73 -6.18 -3.30 9.35
C LEU A 73 -5.56 -4.09 8.20
N SER A 74 -4.22 -4.15 8.11
CA SER A 74 -3.54 -4.96 7.11
C SER A 74 -3.54 -6.46 7.51
N TYR A 75 -3.70 -6.81 8.81
CA TYR A 75 -3.56 -8.19 9.27
C TYR A 75 -4.72 -9.20 9.01
N PRO A 76 -6.01 -8.83 8.93
CA PRO A 76 -7.07 -9.85 8.73
C PRO A 76 -6.80 -10.92 7.66
N ASP A 77 -7.04 -12.20 8.02
CA ASP A 77 -6.90 -13.36 7.17
C ASP A 77 -5.50 -13.59 6.57
N THR A 78 -4.44 -13.04 7.20
CA THR A 78 -3.06 -13.27 6.71
C THR A 78 -2.66 -14.76 6.87
N ASP A 79 -2.01 -15.36 5.86
CA ASP A 79 -1.58 -16.75 5.88
C ASP A 79 -0.08 -16.92 6.22
N VAL A 80 0.74 -15.91 5.94
CA VAL A 80 2.17 -15.97 6.27
C VAL A 80 2.70 -14.53 6.51
N ILE A 81 3.56 -14.37 7.51
CA ILE A 81 4.18 -13.09 7.81
C ILE A 81 5.67 -13.09 7.46
N LEU A 82 6.16 -12.08 6.73
CA LEU A 82 7.59 -11.93 6.55
C LEU A 82 7.97 -10.79 7.50
N MET A 83 8.74 -11.10 8.53
CA MET A 83 9.17 -10.11 9.52
CA MET A 83 9.18 -10.14 9.53
C MET A 83 10.59 -9.71 9.14
N CYS A 84 10.74 -8.52 8.59
CA CYS A 84 11.99 -8.06 8.07
CA CYS A 84 12.01 -8.04 8.07
C CYS A 84 12.76 -7.14 9.02
N PHE A 85 14.10 -7.12 8.85
CA PHE A 85 15.09 -6.26 9.49
C PHE A 85 16.21 -6.07 8.43
N SER A 86 16.99 -5.03 8.60
CA SER A 86 18.08 -4.74 7.69
C SER A 86 19.40 -5.23 8.29
N ILE A 87 20.20 -5.98 7.54
CA ILE A 87 21.47 -6.49 8.04
C ILE A 87 22.48 -5.34 8.29
N ASP A 88 22.33 -4.18 7.60
CA ASP A 88 23.16 -2.99 7.85
C ASP A 88 22.69 -2.17 9.10
N SER A 89 21.67 -2.67 9.81
CA SER A 89 21.07 -1.95 10.91
C SER A 89 20.79 -2.86 12.09
N PRO A 90 21.78 -3.06 12.98
CA PRO A 90 21.53 -3.88 14.18
C PRO A 90 20.37 -3.38 15.05
N ASP A 91 20.07 -2.07 14.99
CA ASP A 91 18.95 -1.47 15.74
C ASP A 91 17.60 -1.97 15.23
N SER A 92 17.47 -2.27 13.93
CA SER A 92 16.22 -2.83 13.40
C SER A 92 15.98 -4.25 13.93
N LEU A 93 17.05 -5.01 14.25
CA LEU A 93 16.91 -6.36 14.78
C LEU A 93 16.45 -6.34 16.25
N GLU A 94 16.95 -5.36 17.02
CA GLU A 94 16.59 -5.15 18.42
C GLU A 94 15.07 -4.91 18.63
N ASN A 95 14.40 -4.26 17.68
CA ASN A 95 12.97 -3.97 17.79
C ASN A 95 12.06 -5.17 17.43
N ILE A 96 12.63 -6.25 16.85
CA ILE A 96 11.88 -7.44 16.48
C ILE A 96 11.14 -8.09 17.69
N PRO A 97 11.81 -8.47 18.82
CA PRO A 97 11.06 -9.12 19.90
C PRO A 97 10.29 -8.14 20.79
N GLU A 98 10.71 -6.87 20.83
CA GLU A 98 10.11 -5.84 21.66
C GLU A 98 8.78 -5.33 21.13
N LYS A 99 8.71 -5.03 19.82
CA LYS A 99 7.50 -4.43 19.29
C LYS A 99 6.77 -5.29 18.25
N TRP A 100 7.46 -5.74 17.21
CA TRP A 100 6.81 -6.45 16.12
C TRP A 100 6.28 -7.86 16.45
N THR A 101 7.04 -8.64 17.23
CA THR A 101 6.62 -10.00 17.58
C THR A 101 5.33 -10.02 18.42
N PRO A 102 5.22 -9.24 19.53
CA PRO A 102 3.95 -9.27 20.30
C PRO A 102 2.75 -8.81 19.47
N GLU A 103 2.94 -7.88 18.52
CA GLU A 103 1.87 -7.40 17.66
C GLU A 103 1.38 -8.48 16.70
N VAL A 104 2.31 -9.10 15.96
CA VAL A 104 1.95 -10.13 15.00
C VAL A 104 1.35 -11.35 15.67
N LYS A 105 1.84 -11.72 16.89
CA LYS A 105 1.25 -12.86 17.60
C LYS A 105 -0.15 -12.60 18.12
N HIS A 106 -0.48 -11.32 18.38
CA HIS A 106 -1.80 -10.91 18.87
C HIS A 106 -2.83 -10.87 17.73
N PHE A 107 -2.52 -10.19 16.61
CA PHE A 107 -3.46 -10.06 15.50
C PHE A 107 -3.44 -11.23 14.53
N CYS A 108 -2.35 -12.01 14.50
CA CYS A 108 -2.23 -13.16 13.59
C CYS A 108 -1.85 -14.42 14.38
N PRO A 109 -2.76 -14.88 15.29
CA PRO A 109 -2.41 -16.05 16.10
C PRO A 109 -2.26 -17.30 15.25
N ASN A 110 -1.20 -18.08 15.52
CA ASN A 110 -0.92 -19.33 14.82
C ASN A 110 -0.44 -19.15 13.36
N VAL A 111 -0.21 -17.92 12.91
CA VAL A 111 0.29 -17.68 11.56
C VAL A 111 1.80 -17.81 11.57
N PRO A 112 2.39 -18.61 10.67
CA PRO A 112 3.86 -18.72 10.64
C PRO A 112 4.54 -17.40 10.32
N ILE A 113 5.65 -17.13 11.00
CA ILE A 113 6.45 -15.92 10.81
C ILE A 113 7.80 -16.36 10.27
N ILE A 114 8.30 -15.72 9.21
CA ILE A 114 9.62 -15.98 8.69
C ILE A 114 10.41 -14.72 8.94
N LEU A 115 11.53 -14.83 9.69
CA LEU A 115 12.38 -13.70 9.97
C LEU A 115 13.36 -13.59 8.82
N VAL A 116 13.33 -12.44 8.13
CA VAL A 116 14.16 -12.21 6.95
C VAL A 116 15.16 -11.09 7.16
N GLY A 117 16.43 -11.41 6.95
CA GLY A 117 17.52 -10.45 7.01
C GLY A 117 17.71 -9.86 5.62
N ASN A 118 17.35 -8.58 5.44
CA ASN A 118 17.45 -7.90 4.16
C ASN A 118 18.82 -7.23 3.97
N LYS A 119 19.12 -6.81 2.70
CA LYS A 119 20.34 -6.11 2.36
C LYS A 119 21.59 -6.88 2.79
N LYS A 120 21.55 -8.21 2.64
CA LYS A 120 22.68 -9.06 3.05
C LYS A 120 24.00 -8.68 2.35
N ASP A 121 23.91 -7.92 1.23
CA ASP A 121 25.03 -7.44 0.45
C ASP A 121 25.85 -6.39 1.24
N LEU A 122 25.23 -5.71 2.22
CA LEU A 122 25.91 -4.68 3.00
C LEU A 122 26.80 -5.26 4.13
N ARG A 123 26.73 -6.57 4.38
CA ARG A 123 27.59 -7.23 5.36
C ARG A 123 29.08 -7.09 4.95
N ASN A 124 29.37 -7.05 3.64
CA ASN A 124 30.70 -6.89 3.10
C ASN A 124 30.88 -5.55 2.36
N ASP A 125 30.18 -4.50 2.83
CA ASP A 125 30.25 -3.16 2.28
C ASP A 125 31.11 -2.32 3.23
N GLU A 126 32.26 -1.81 2.74
CA GLU A 126 33.17 -1.05 3.57
C GLU A 126 32.57 0.27 4.07
N HIS A 127 31.72 0.93 3.29
CA HIS A 127 31.08 2.17 3.75
C HIS A 127 30.14 1.88 4.92
N THR A 128 29.41 0.75 4.85
CA THR A 128 28.51 0.31 5.91
C THR A 128 29.33 0.01 7.17
N ARG A 129 30.45 -0.74 7.03
CA ARG A 129 31.32 -1.09 8.15
C ARG A 129 31.93 0.13 8.84
N ARG A 130 32.37 1.14 8.07
CA ARG A 130 32.93 2.36 8.63
C ARG A 130 31.83 3.12 9.39
N GLU A 131 30.66 3.34 8.77
CA GLU A 131 29.57 4.06 9.41
C GLU A 131 29.14 3.45 10.74
N LEU A 132 28.89 2.13 10.77
CA LEU A 132 28.44 1.42 11.97
C LEU A 132 29.48 1.48 13.08
N ALA A 133 30.78 1.36 12.76
CA ALA A 133 31.87 1.46 13.74
C ALA A 133 31.91 2.81 14.47
N LYS A 134 31.28 3.87 13.88
CA LYS A 134 31.17 5.18 14.53
C LYS A 134 30.11 5.19 15.67
N MET A 135 29.30 4.11 15.79
CA MET A 135 28.33 3.93 16.87
C MET A 135 28.60 2.63 17.65
N LYS A 136 29.86 2.16 17.68
CA LYS A 136 30.30 0.90 18.32
C LYS A 136 29.43 -0.26 17.86
N GLN A 137 29.33 -0.45 16.53
CA GLN A 137 28.48 -1.46 15.93
C GLN A 137 29.10 -2.17 14.71
N GLU A 138 28.43 -3.25 14.24
CA GLU A 138 28.82 -4.00 13.05
C GLU A 138 27.59 -4.62 12.35
N PRO A 139 27.66 -4.96 11.05
CA PRO A 139 26.50 -5.59 10.39
C PRO A 139 26.08 -6.85 11.13
N VAL A 140 24.76 -7.14 11.14
CA VAL A 140 24.19 -8.30 11.82
C VAL A 140 24.85 -9.58 11.32
N LYS A 141 25.31 -10.42 12.25
CA LYS A 141 25.96 -11.69 11.89
C LYS A 141 24.92 -12.76 11.58
N PRO A 142 25.24 -13.74 10.71
CA PRO A 142 24.26 -14.80 10.40
C PRO A 142 23.69 -15.51 11.63
N GLU A 143 24.54 -15.80 12.63
CA GLU A 143 24.09 -16.47 13.84
C GLU A 143 23.20 -15.59 14.71
N GLU A 144 23.39 -14.26 14.65
CA GLU A 144 22.54 -13.35 15.43
C GLU A 144 21.11 -13.31 14.87
N GLY A 145 20.98 -13.43 13.56
CA GLY A 145 19.68 -13.52 12.91
C GLY A 145 19.00 -14.83 13.24
N ARG A 146 19.74 -15.96 13.14
CA ARG A 146 19.22 -17.29 13.48
C ARG A 146 18.76 -17.38 14.94
N ASP A 147 19.54 -16.82 15.87
CA ASP A 147 19.19 -16.85 17.28
C ASP A 147 17.98 -16.02 17.60
N MET A 148 17.76 -14.90 16.91
CA MET A 148 16.55 -14.09 17.12
C MET A 148 15.32 -14.84 16.57
N ALA A 149 15.45 -15.46 15.38
CA ALA A 149 14.34 -16.22 14.79
C ALA A 149 13.96 -17.40 15.70
N ASN A 150 14.97 -18.06 16.29
CA ASN A 150 14.77 -19.18 17.22
C ASN A 150 14.02 -18.66 18.47
N ARG A 151 14.53 -17.58 19.09
CA ARG A 151 13.95 -16.93 20.26
C ARG A 151 12.44 -16.51 20.11
N ILE A 152 12.09 -15.82 19.03
CA ILE A 152 10.72 -15.35 18.83
C ILE A 152 9.73 -16.43 18.35
N GLY A 153 10.20 -17.64 18.07
CA GLY A 153 9.33 -18.69 17.61
C GLY A 153 9.04 -18.65 16.13
N ALA A 154 9.97 -18.10 15.33
CA ALA A 154 9.80 -18.04 13.89
C ALA A 154 9.79 -19.45 13.29
N PHE A 155 8.99 -19.61 12.21
CA PHE A 155 8.94 -20.81 11.38
C PHE A 155 10.34 -21.12 10.85
N GLY A 156 11.07 -20.07 10.46
CA GLY A 156 12.43 -20.18 9.95
C GLY A 156 13.09 -18.83 9.78
N TYR A 157 14.38 -18.85 9.45
CA TYR A 157 15.19 -17.67 9.24
C TYR A 157 15.78 -17.74 7.85
N MET A 158 15.69 -16.63 7.11
CA MET A 158 16.23 -16.54 5.75
C MET A 158 16.92 -15.19 5.53
N GLU A 159 17.81 -15.11 4.55
CA GLU A 159 18.52 -13.87 4.21
C GLU A 159 18.41 -13.61 2.68
N CYS A 160 18.41 -12.34 2.28
CA CYS A 160 18.29 -11.98 0.86
C CYS A 160 18.86 -10.62 0.57
N SER A 161 19.06 -10.32 -0.73
CA SER A 161 19.51 -9.03 -1.21
C SER A 161 18.59 -8.59 -2.34
N ALA A 162 17.73 -7.59 -2.10
CA ALA A 162 16.85 -7.06 -3.15
C ALA A 162 17.70 -6.43 -4.26
N LYS A 163 18.85 -5.80 -3.90
CA LYS A 163 19.77 -5.16 -4.83
C LYS A 163 20.32 -6.11 -5.90
N THR A 164 20.82 -7.28 -5.48
CA THR A 164 21.41 -8.25 -6.39
C THR A 164 20.49 -9.42 -6.77
N LYS A 165 19.25 -9.45 -6.22
CA LYS A 165 18.23 -10.50 -6.38
C LYS A 165 18.55 -11.82 -5.64
N ASP A 166 19.73 -11.99 -5.03
CA ASP A 166 20.05 -13.26 -4.35
C ASP A 166 19.17 -13.59 -3.16
N GLY A 167 18.56 -14.78 -3.19
CA GLY A 167 17.71 -15.26 -2.09
C GLY A 167 16.27 -14.80 -2.11
N VAL A 168 15.94 -13.84 -2.98
CA VAL A 168 14.60 -13.29 -3.10
C VAL A 168 13.57 -14.36 -3.46
N ARG A 169 13.76 -15.06 -4.57
CA ARG A 169 12.83 -16.12 -4.98
C ARG A 169 12.62 -17.21 -3.88
N GLU A 170 13.70 -17.67 -3.27
CA GLU A 170 13.67 -18.68 -2.21
C GLU A 170 12.78 -18.24 -1.02
N VAL A 171 12.89 -16.97 -0.57
CA VAL A 171 12.06 -16.43 0.52
C VAL A 171 10.56 -16.57 0.18
N PHE A 172 10.16 -16.18 -1.04
CA PHE A 172 8.74 -16.21 -1.41
C PHE A 172 8.23 -17.64 -1.68
N GLU A 173 9.06 -18.55 -2.19
CA GLU A 173 8.64 -19.94 -2.35
C GLU A 173 8.48 -20.60 -0.98
N MET A 174 9.38 -20.30 -0.04
CA MET A 174 9.28 -20.84 1.32
C MET A 174 8.06 -20.24 2.04
N ALA A 175 7.80 -18.94 1.86
CA ALA A 175 6.61 -18.30 2.46
C ALA A 175 5.32 -18.99 1.98
N THR A 176 5.32 -19.46 0.71
CA THR A 176 4.19 -20.13 0.13
C THR A 176 3.99 -21.50 0.78
N ARG A 177 5.10 -22.22 1.03
CA ARG A 177 5.09 -23.51 1.69
C ARG A 177 4.58 -23.33 3.14
N ALA A 178 5.03 -22.28 3.83
CA ALA A 178 4.58 -22.00 5.20
C ALA A 178 3.08 -21.70 5.20
N ALA A 179 2.59 -20.91 4.23
CA ALA A 179 1.17 -20.57 4.11
C ALA A 179 0.31 -21.81 3.83
N LEU A 180 0.87 -22.83 3.16
CA LEU A 180 0.14 -24.06 2.87
C LEU A 180 0.02 -25.01 4.05
N GLN A 181 0.86 -24.87 5.10
CA GLN A 181 0.86 -25.79 6.25
C GLN A 181 -0.41 -25.79 7.10
N ALA A 182 -0.81 -27.00 7.58
CA ALA A 182 -2.00 -27.33 8.40
C ALA A 182 -3.07 -26.24 8.46
N SER B 1 -10.41 3.47 -15.52
CA SER B 1 -9.74 4.67 -16.00
CA SER B 1 -9.78 4.70 -15.98
C SER B 1 -10.04 4.94 -17.47
N MET B 2 -9.99 6.20 -17.89
CA MET B 2 -10.22 6.55 -19.28
C MET B 2 -8.94 6.37 -20.07
N GLU B 3 -9.05 5.94 -21.32
CA GLU B 3 -7.88 5.62 -22.14
C GLU B 3 -6.81 6.73 -22.19
N MET B 4 -7.23 7.99 -22.36
CA MET B 4 -6.33 9.15 -22.41
CA MET B 4 -6.32 9.14 -22.41
C MET B 4 -5.37 9.16 -21.20
N ASP B 5 -5.93 8.98 -19.98
CA ASP B 5 -5.13 8.99 -18.77
C ASP B 5 -4.26 7.75 -18.63
N GLU B 6 -4.77 6.58 -19.06
CA GLU B 6 -3.98 5.35 -18.99
C GLU B 6 -2.71 5.45 -19.82
N LYS B 7 -2.83 5.95 -21.06
CA LYS B 7 -1.69 6.08 -21.94
C LYS B 7 -0.69 7.10 -21.40
N ASP B 8 -1.19 8.24 -20.87
CA ASP B 8 -0.34 9.28 -20.27
C ASP B 8 0.45 8.74 -19.05
N PHE B 9 -0.07 7.68 -18.37
CA PHE B 9 0.58 7.09 -17.20
C PHE B 9 0.94 5.61 -17.41
N ALA B 10 1.17 5.21 -18.67
CA ALA B 10 1.51 3.83 -19.02
C ALA B 10 2.97 3.51 -18.71
N ALA B 11 3.90 4.46 -18.96
CA ALA B 11 5.33 4.23 -18.67
C ALA B 11 5.65 4.05 -17.17
N ASP B 12 6.74 3.32 -16.84
CA ASP B 12 7.17 3.09 -15.45
C ASP B 12 7.66 4.36 -14.78
N SER B 13 8.09 5.38 -15.54
CA SER B 13 8.55 6.62 -14.97
C SER B 13 8.26 7.84 -15.85
N TRP B 14 8.48 9.06 -15.31
CA TRP B 14 8.33 10.29 -16.07
C TRP B 14 9.37 10.31 -17.18
N SER B 15 10.63 9.87 -16.86
CA SER B 15 11.75 9.83 -17.81
CA SER B 15 11.76 9.81 -17.80
C SER B 15 11.48 8.93 -19.01
N LEU B 16 10.65 7.88 -18.82
CA LEU B 16 10.28 7.00 -19.92
C LEU B 16 8.96 7.51 -20.61
N ALA B 17 8.13 8.30 -19.90
CA ALA B 17 6.90 8.85 -20.46
C ALA B 17 7.19 9.99 -21.46
N VAL B 18 8.08 10.92 -21.12
CA VAL B 18 8.41 12.05 -22.01
C VAL B 18 9.30 11.62 -23.20
N ASP B 19 9.36 12.45 -24.27
CA ASP B 19 10.22 12.17 -25.43
C ASP B 19 11.67 12.25 -24.95
N SER B 20 12.55 11.35 -25.44
CA SER B 20 13.96 11.37 -25.01
C SER B 20 14.64 12.70 -25.35
N SER B 21 14.19 13.40 -26.41
CA SER B 21 14.74 14.71 -26.76
C SER B 21 14.33 15.81 -25.76
N PHE B 22 13.19 15.64 -25.08
CA PHE B 22 12.73 16.56 -24.05
C PHE B 22 13.49 16.28 -22.74
N LEU B 23 13.66 14.98 -22.42
CA LEU B 23 14.38 14.51 -21.23
C LEU B 23 15.81 15.09 -21.20
N GLN B 24 16.53 15.01 -22.34
CA GLN B 24 17.89 15.53 -22.50
C GLN B 24 18.02 17.01 -22.15
N GLN B 25 16.92 17.77 -22.19
CA GLN B 25 16.97 19.19 -21.88
C GLN B 25 16.95 19.49 -20.38
N HIS B 26 16.76 18.47 -19.51
CA HIS B 26 16.70 18.73 -18.07
C HIS B 26 17.87 18.17 -17.27
N LYS B 27 18.15 18.83 -16.16
CA LYS B 27 19.16 18.41 -15.18
C LYS B 27 18.68 17.12 -14.52
N LYS B 28 19.62 16.38 -13.93
CA LYS B 28 19.35 15.14 -13.21
C LYS B 28 18.32 15.37 -12.07
N GLU B 29 18.48 16.45 -11.29
CA GLU B 29 17.64 16.75 -10.13
C GLU B 29 16.19 16.94 -10.49
N VAL B 30 15.94 17.61 -11.62
CA VAL B 30 14.60 17.84 -12.13
C VAL B 30 13.98 16.53 -12.58
N MET B 31 14.75 15.67 -13.23
CA MET B 31 14.27 14.37 -13.66
C MET B 31 13.87 13.52 -12.42
N LYS B 32 14.70 13.57 -11.35
CA LYS B 32 14.41 12.83 -10.12
C LYS B 32 13.14 13.36 -9.44
N GLN B 33 12.97 14.70 -9.39
CA GLN B 33 11.75 15.30 -8.83
C GLN B 33 10.51 14.86 -9.64
N GLN B 34 10.60 14.94 -10.98
CA GLN B 34 9.48 14.62 -11.85
C GLN B 34 9.07 13.15 -11.81
N ASP B 35 10.04 12.26 -11.63
CA ASP B 35 9.76 10.83 -11.52
C ASP B 35 8.85 10.52 -10.30
N VAL B 36 9.10 11.18 -9.15
CA VAL B 36 8.30 10.96 -7.95
C VAL B 36 6.94 11.64 -8.08
N ILE B 37 6.87 12.80 -8.75
CA ILE B 37 5.57 13.48 -8.95
C ILE B 37 4.66 12.63 -9.83
N TYR B 38 5.24 12.05 -10.89
CA TYR B 38 4.52 11.17 -11.80
C TYR B 38 4.05 9.93 -11.01
N GLU B 39 4.88 9.39 -10.11
CA GLU B 39 4.48 8.24 -9.31
C GLU B 39 3.26 8.58 -8.42
N LEU B 40 3.25 9.76 -7.78
CA LEU B 40 2.10 10.17 -6.98
C LEU B 40 0.81 10.24 -7.85
N ILE B 41 0.87 10.86 -9.03
CA ILE B 41 -0.30 10.97 -9.91
C ILE B 41 -0.72 9.62 -10.47
N GLN B 42 0.24 8.80 -10.90
CA GLN B 42 -0.07 7.47 -11.45
C GLN B 42 -0.75 6.61 -10.38
N THR B 43 -0.27 6.69 -9.12
CA THR B 43 -0.87 5.93 -8.02
C THR B 43 -2.24 6.51 -7.62
N GLU B 44 -2.44 7.84 -7.79
CA GLU B 44 -3.74 8.45 -7.51
C GLU B 44 -4.74 7.98 -8.59
N LEU B 45 -4.32 7.90 -9.86
CA LEU B 45 -5.14 7.40 -10.98
C LEU B 45 -5.60 5.96 -10.69
N HIS B 46 -4.69 5.11 -10.18
CA HIS B 46 -5.03 3.71 -9.86
C HIS B 46 -5.98 3.61 -8.65
N HIS B 47 -5.85 4.53 -7.70
CA HIS B 47 -6.65 4.56 -6.48
C HIS B 47 -8.07 4.95 -6.83
N VAL B 48 -8.25 5.99 -7.70
CA VAL B 48 -9.58 6.40 -8.17
C VAL B 48 -10.24 5.23 -8.90
N ARG B 49 -9.45 4.53 -9.73
CA ARG B 49 -9.87 3.35 -10.47
C ARG B 49 -10.35 2.22 -9.51
N THR B 50 -9.67 2.01 -8.36
CA THR B 50 -10.07 1.01 -7.37
C THR B 50 -11.47 1.39 -6.83
N LEU B 51 -11.68 2.70 -6.58
CA LEU B 51 -12.96 3.20 -6.08
C LEU B 51 -14.06 3.03 -7.15
N LYS B 52 -13.72 3.14 -8.46
CA LYS B 52 -14.72 2.91 -9.52
C LYS B 52 -15.12 1.45 -9.63
N ILE B 53 -14.18 0.50 -9.38
CA ILE B 53 -14.47 -0.94 -9.37
C ILE B 53 -15.45 -1.20 -8.21
N MET B 54 -15.19 -0.61 -7.04
CA MET B 54 -16.06 -0.76 -5.87
C MET B 54 -17.45 -0.21 -6.09
N THR B 55 -17.59 1.02 -6.64
CA THR B 55 -18.91 1.63 -6.89
C THR B 55 -19.64 1.02 -8.10
N ARG B 56 -19.03 1.04 -9.29
CA ARG B 56 -19.64 0.58 -10.54
C ARG B 56 -19.65 -0.93 -10.76
N LEU B 57 -18.52 -1.61 -10.59
CA LEU B 57 -18.50 -3.07 -10.81
C LEU B 57 -19.18 -3.85 -9.66
N PHE B 58 -18.75 -3.63 -8.41
CA PHE B 58 -19.30 -4.39 -7.28
C PHE B 58 -20.63 -3.86 -6.74
N ARG B 59 -20.63 -2.71 -6.04
CA ARG B 59 -21.83 -2.13 -5.43
C ARG B 59 -23.06 -2.09 -6.36
N THR B 60 -22.92 -1.42 -7.51
CA THR B 60 -24.01 -1.25 -8.45
C THR B 60 -24.46 -2.60 -9.04
N GLY B 61 -23.51 -3.50 -9.29
CA GLY B 61 -23.83 -4.82 -9.83
C GLY B 61 -24.68 -5.62 -8.86
N MET B 62 -24.41 -5.49 -7.55
CA MET B 62 -25.19 -6.20 -6.53
C MET B 62 -26.61 -5.64 -6.43
N LEU B 63 -26.77 -4.31 -6.56
CA LEU B 63 -28.08 -3.69 -6.50
C LEU B 63 -28.96 -4.06 -7.70
N GLU B 64 -28.35 -4.24 -8.87
CA GLU B 64 -29.11 -4.51 -10.09
C GLU B 64 -29.30 -5.98 -10.46
N GLU B 65 -28.47 -6.89 -9.90
N GLU B 65 -28.27 -6.81 -10.30
CA GLU B 65 -28.61 -8.34 -10.16
CA GLU B 65 -28.33 -8.20 -10.74
C GLU B 65 -29.06 -9.18 -8.95
C GLU B 65 -28.82 -9.11 -9.64
N LEU B 66 -28.56 -8.87 -7.75
N LEU B 66 -28.41 -8.86 -8.40
CA LEU B 66 -28.88 -9.68 -6.56
CA LEU B 66 -28.86 -9.66 -7.26
C LEU B 66 -30.01 -9.16 -5.68
C LEU B 66 -30.05 -9.01 -6.54
N HIS B 67 -30.61 -10.04 -4.84
N HIS B 67 -30.32 -7.70 -6.76
CA HIS B 67 -31.67 -9.69 -3.90
CA HIS B 67 -31.38 -6.93 -6.11
C HIS B 67 -31.08 -9.74 -2.49
C HIS B 67 -31.22 -7.03 -4.58
N LEU B 68 -30.42 -8.65 -2.06
N LEU B 68 -29.98 -6.87 -4.10
CA LEU B 68 -29.83 -8.60 -0.73
CA LEU B 68 -29.64 -6.96 -2.69
C LEU B 68 -30.69 -7.79 0.23
C LEU B 68 -30.15 -5.77 -1.88
N GLU B 69 -30.62 -8.09 1.52
N GLU B 69 -30.41 -5.99 -0.58
CA GLU B 69 -31.38 -7.38 2.53
CA GLU B 69 -30.89 -4.99 0.35
C GLU B 69 -30.99 -5.89 2.58
C GLU B 69 -29.89 -3.84 0.47
N PRO B 70 -31.93 -4.97 2.87
N PRO B 70 -30.37 -2.58 0.28
CA PRO B 70 -31.57 -3.53 2.92
CA PRO B 70 -29.46 -1.42 0.31
C PRO B 70 -30.42 -3.21 3.88
C PRO B 70 -28.56 -1.28 1.52
N GLY B 71 -29.45 -2.45 3.41
N GLY B 71 -29.01 -1.75 2.68
CA GLY B 71 -28.29 -2.09 4.22
CA GLY B 71 -28.23 -1.69 3.90
C GLY B 71 -27.14 -3.09 4.17
C GLY B 71 -27.10 -2.72 3.91
N VAL B 72 -27.26 -4.12 3.31
N VAL B 72 -27.34 -3.88 3.28
CA VAL B 72 -26.20 -5.10 3.16
CA VAL B 72 -26.35 -4.96 3.16
C VAL B 72 -25.11 -4.52 2.23
C VAL B 72 -25.20 -4.49 2.27
N VAL B 73 -25.52 -3.92 1.11
CA VAL B 73 -24.55 -3.36 0.17
C VAL B 73 -23.80 -2.18 0.81
N GLN B 74 -24.48 -1.38 1.66
CA GLN B 74 -23.85 -0.28 2.36
CA GLN B 74 -23.85 -0.27 2.38
C GLN B 74 -22.80 -0.78 3.37
N GLY B 75 -23.07 -1.91 4.01
CA GLY B 75 -22.15 -2.51 4.96
C GLY B 75 -20.92 -3.10 4.27
N LEU B 76 -21.08 -3.58 3.02
CA LEU B 76 -19.96 -4.15 2.29
C LEU B 76 -19.04 -3.03 1.81
N PHE B 77 -19.63 -1.95 1.28
CA PHE B 77 -18.86 -0.81 0.71
C PHE B 77 -19.14 0.49 1.48
N PRO B 78 -18.72 0.62 2.76
CA PRO B 78 -19.02 1.89 3.49
C PRO B 78 -18.29 3.08 2.87
N CYS B 79 -18.96 4.26 2.81
CA CYS B 79 -18.42 5.58 2.39
C CYS B 79 -17.83 5.63 0.98
N VAL B 80 -18.11 4.66 0.12
CA VAL B 80 -17.50 4.60 -1.21
CA VAL B 80 -17.48 4.60 -1.19
C VAL B 80 -17.83 5.81 -2.10
N ASP B 81 -19.08 6.34 -2.04
CA ASP B 81 -19.40 7.53 -2.87
C ASP B 81 -18.65 8.77 -2.37
N GLU B 82 -18.51 8.91 -1.07
CA GLU B 82 -17.80 10.02 -0.46
CA GLU B 82 -17.79 10.05 -0.53
C GLU B 82 -16.31 9.94 -0.82
N LEU B 83 -15.73 8.73 -0.72
CA LEU B 83 -14.32 8.48 -1.04
C LEU B 83 -14.07 8.79 -2.51
N SER B 84 -14.97 8.31 -3.38
CA SER B 84 -14.84 8.53 -4.82
C SER B 84 -14.90 10.01 -5.15
N ASP B 85 -15.72 10.79 -4.44
CA ASP B 85 -15.82 12.23 -4.67
C ASP B 85 -14.56 12.98 -4.25
N ILE B 86 -13.98 12.65 -3.09
CA ILE B 86 -12.72 13.25 -2.62
C ILE B 86 -11.56 13.00 -3.61
N HIS B 87 -11.32 11.74 -3.97
CA HIS B 87 -10.20 11.36 -4.78
C HIS B 87 -10.37 11.70 -6.26
N THR B 88 -11.60 11.71 -6.81
CA THR B 88 -11.80 12.11 -8.21
C THR B 88 -11.55 13.62 -8.34
N ARG B 89 -11.96 14.42 -7.32
CA ARG B 89 -11.66 15.85 -7.34
C ARG B 89 -10.15 16.12 -7.20
N PHE B 90 -9.46 15.38 -6.32
CA PHE B 90 -8.02 15.53 -6.14
C PHE B 90 -7.27 15.14 -7.45
N LEU B 91 -7.70 14.03 -8.09
CA LEU B 91 -7.14 13.56 -9.35
C LEU B 91 -7.36 14.60 -10.47
N SER B 92 -8.57 15.21 -10.55
CA SER B 92 -8.84 16.23 -11.57
CA SER B 92 -8.84 16.24 -11.57
C SER B 92 -7.87 17.41 -11.46
N GLN B 93 -7.55 17.83 -10.22
CA GLN B 93 -6.62 18.93 -9.99
C GLN B 93 -5.16 18.59 -10.35
N LEU B 94 -4.72 17.36 -10.04
CA LEU B 94 -3.38 16.90 -10.35
C LEU B 94 -3.26 16.78 -11.86
N LEU B 95 -4.27 16.20 -12.57
CA LEU B 95 -4.25 16.03 -14.03
C LEU B 95 -4.32 17.36 -14.75
N GLU B 96 -5.04 18.37 -14.19
CA GLU B 96 -5.12 19.71 -14.80
C GLU B 96 -3.78 20.47 -14.66
N ARG B 97 -3.08 20.26 -13.54
CA ARG B 97 -1.77 20.88 -13.31
C ARG B 97 -0.74 20.32 -14.35
N ARG B 98 -0.79 18.99 -14.65
CA ARG B 98 0.05 18.36 -15.67
C ARG B 98 -0.31 18.89 -17.08
N ARG B 99 -1.61 18.94 -17.39
CA ARG B 99 -2.07 19.41 -18.70
CA ARG B 99 -2.09 19.41 -18.69
C ARG B 99 -1.65 20.87 -18.98
N GLN B 100 -1.88 21.78 -18.01
CA GLN B 100 -1.49 23.19 -18.14
C GLN B 100 0.00 23.33 -18.45
N ALA B 101 0.83 22.41 -17.91
CA ALA B 101 2.28 22.41 -18.05
C ALA B 101 2.81 21.78 -19.34
N LEU B 102 1.95 21.14 -20.14
CA LEU B 102 2.37 20.53 -21.41
C LEU B 102 2.93 21.57 -22.38
N CYS B 103 3.98 21.21 -23.11
CA CYS B 103 4.53 22.08 -24.14
C CYS B 103 3.53 22.15 -25.29
N PRO B 104 3.40 23.32 -25.94
CA PRO B 104 2.58 23.39 -27.16
C PRO B 104 3.06 22.40 -28.21
N GLY B 105 2.11 21.70 -28.83
CA GLY B 105 2.42 20.66 -29.79
C GLY B 105 2.73 19.32 -29.17
N SER B 106 2.62 19.20 -27.83
CA SER B 106 2.90 17.94 -27.14
C SER B 106 1.78 17.49 -26.22
N THR B 107 1.50 16.20 -26.18
CA THR B 107 0.55 15.63 -25.22
C THR B 107 1.27 14.82 -24.11
N ARG B 108 2.63 14.85 -24.09
CA ARG B 108 3.36 14.11 -23.08
C ARG B 108 4.54 14.81 -22.42
N ASN B 109 5.05 15.91 -23.01
CA ASN B 109 6.22 16.61 -22.46
C ASN B 109 5.83 17.74 -21.54
N PHE B 110 6.09 17.59 -20.23
CA PHE B 110 5.71 18.60 -19.21
C PHE B 110 6.66 18.54 -17.99
N VAL B 111 6.67 19.61 -17.20
CA VAL B 111 7.41 19.67 -15.95
C VAL B 111 6.47 20.39 -14.95
N ILE B 112 6.23 19.79 -13.80
CA ILE B 112 5.41 20.39 -12.76
C ILE B 112 6.36 21.00 -11.73
N HIS B 113 6.41 22.32 -11.68
CA HIS B 113 7.27 23.04 -10.76
C HIS B 113 6.59 23.42 -9.44
N ARG B 114 5.24 23.48 -9.41
N ARG B 114 5.28 23.52 -9.47
CA ARG B 114 4.51 23.99 -8.24
CA ARG B 114 4.49 23.92 -8.34
C ARG B 114 3.46 23.06 -7.57
C ARG B 114 3.46 22.84 -8.04
N LEU B 115 3.82 21.81 -7.32
N LEU B 115 3.82 21.92 -7.15
CA LEU B 115 2.91 20.85 -6.69
CA LEU B 115 2.90 20.87 -6.66
C LEU B 115 2.53 21.17 -5.20
C LEU B 115 2.53 21.17 -5.20
N GLY B 116 3.45 21.74 -4.44
CA GLY B 116 3.24 22.07 -3.04
C GLY B 116 1.95 22.77 -2.68
N ASP B 117 1.57 23.83 -3.45
CA ASP B 117 0.37 24.61 -3.20
CA ASP B 117 0.37 24.61 -3.20
C ASP B 117 -0.89 23.76 -3.34
N LEU B 118 -0.90 22.87 -4.33
CA LEU B 118 -2.03 21.96 -4.59
C LEU B 118 -2.15 20.99 -3.40
N LEU B 119 -1.02 20.48 -2.89
CA LEU B 119 -1.03 19.57 -1.76
C LEU B 119 -1.46 20.26 -0.47
N ILE B 120 -1.06 21.54 -0.25
CA ILE B 120 -1.48 22.32 0.93
C ILE B 120 -2.99 22.54 0.86
N SER B 121 -3.54 22.83 -0.34
CA SER B 121 -4.98 23.04 -0.50
CA SER B 121 -4.97 23.04 -0.50
C SER B 121 -5.76 21.76 -0.20
N GLN B 122 -5.29 20.61 -0.73
CA GLN B 122 -5.96 19.35 -0.51
C GLN B 122 -6.00 18.90 0.97
N PHE B 123 -4.88 19.09 1.69
CA PHE B 123 -4.80 18.62 3.05
C PHE B 123 -5.01 19.75 4.06
N SER B 124 -5.82 20.76 3.70
CA SER B 124 -6.23 21.82 4.61
C SER B 124 -7.69 22.22 4.35
N GLY B 125 -8.28 22.99 5.27
CA GLY B 125 -9.65 23.49 5.14
C GLY B 125 -10.72 22.41 5.08
N PRO B 126 -11.82 22.72 4.38
CA PRO B 126 -12.93 21.77 4.28
C PRO B 126 -12.57 20.42 3.70
N SER B 127 -11.77 20.36 2.62
CA SER B 127 -11.43 19.08 2.01
C SER B 127 -10.64 18.15 2.97
N ALA B 128 -9.83 18.72 3.87
CA ALA B 128 -9.12 17.91 4.86
C ALA B 128 -10.10 17.42 5.91
N GLU B 129 -11.08 18.28 6.33
CA GLU B 129 -12.13 17.89 7.29
C GLU B 129 -12.94 16.73 6.72
N GLN B 130 -13.22 16.76 5.39
CA GLN B 130 -13.98 15.69 4.74
C GLN B 130 -13.16 14.39 4.66
N MET B 131 -11.84 14.49 4.37
CA MET B 131 -10.97 13.32 4.33
C MET B 131 -10.91 12.66 5.70
N CYS B 132 -10.77 13.47 6.77
CA CYS B 132 -10.72 13.01 8.16
C CYS B 132 -12.02 12.32 8.58
N LYS B 133 -13.16 12.93 8.27
CA LYS B 133 -14.46 12.39 8.61
C LYS B 133 -14.73 11.04 7.88
N THR B 134 -14.50 11.02 6.56
CA THR B 134 -14.72 9.86 5.70
C THR B 134 -13.79 8.67 6.02
N TYR B 135 -12.47 8.89 6.21
CA TYR B 135 -11.56 7.76 6.52
C TYR B 135 -11.73 7.26 7.95
N SER B 136 -12.08 8.15 8.93
CA SER B 136 -12.34 7.74 10.31
C SER B 136 -13.56 6.79 10.34
N GLU B 137 -14.57 7.07 9.51
CA GLU B 137 -15.78 6.28 9.35
C GLU B 137 -15.46 4.96 8.57
N PHE B 138 -14.77 5.07 7.41
CA PHE B 138 -14.40 3.91 6.58
C PHE B 138 -13.52 2.89 7.34
N CYS B 139 -12.43 3.35 7.94
CA CYS B 139 -11.51 2.47 8.63
C CYS B 139 -12.12 1.83 9.88
N SER B 140 -13.13 2.48 10.51
CA SER B 140 -13.84 1.89 11.65
C SER B 140 -14.86 0.81 11.21
N ARG B 141 -15.22 0.77 9.92
CA ARG B 141 -16.17 -0.21 9.39
C ARG B 141 -15.52 -1.28 8.49
N HIS B 142 -14.20 -1.23 8.34
CA HIS B 142 -13.35 -2.10 7.54
C HIS B 142 -13.50 -3.57 7.95
N SER B 143 -13.37 -3.89 9.24
CA SER B 143 -13.48 -5.28 9.68
CA SER B 143 -13.49 -5.27 9.73
C SER B 143 -14.91 -5.80 9.54
N LYS B 144 -15.92 -4.94 9.78
CA LYS B 144 -17.31 -5.34 9.64
C LYS B 144 -17.63 -5.66 8.17
N ALA B 145 -17.06 -4.90 7.23
CA ALA B 145 -17.23 -5.09 5.79
C ALA B 145 -16.65 -6.45 5.34
N LEU B 146 -15.45 -6.80 5.83
CA LEU B 146 -14.77 -8.07 5.53
C LEU B 146 -15.54 -9.28 6.06
N LYS B 147 -16.02 -9.21 7.29
CA LYS B 147 -16.77 -10.31 7.90
C LYS B 147 -18.12 -10.50 7.20
N LEU B 148 -18.75 -9.40 6.79
CA LEU B 148 -20.03 -9.45 6.07
C LEU B 148 -19.85 -10.08 4.67
N TYR B 149 -18.73 -9.75 4.01
CA TYR B 149 -18.39 -10.29 2.70
C TYR B 149 -18.22 -11.82 2.77
N LYS B 150 -17.42 -12.30 3.75
CA LYS B 150 -17.14 -13.72 3.93
C LYS B 150 -18.40 -14.51 4.21
N GLU B 151 -19.28 -13.99 5.08
CA GLU B 151 -20.55 -14.64 5.38
CA GLU B 151 -20.56 -14.63 5.39
C GLU B 151 -21.38 -14.82 4.12
N LEU B 152 -21.55 -13.74 3.31
CA LEU B 152 -22.32 -13.78 2.06
C LEU B 152 -21.74 -14.76 1.04
N TYR B 153 -20.41 -14.74 0.81
CA TYR B 153 -19.76 -15.62 -0.16
C TYR B 153 -19.94 -17.10 0.23
N ALA B 154 -19.96 -17.40 1.53
CA ALA B 154 -20.11 -18.75 2.01
C ALA B 154 -21.55 -19.30 2.10
N ARG B 155 -22.55 -18.41 2.26
CA ARG B 155 -23.93 -18.87 2.44
CA ARG B 155 -23.95 -18.79 2.48
C ARG B 155 -24.87 -18.54 1.29
N ASP B 156 -24.51 -17.58 0.40
CA ASP B 156 -25.37 -17.22 -0.73
C ASP B 156 -24.77 -17.62 -2.10
N LYS B 157 -25.43 -18.58 -2.78
CA LYS B 157 -25.03 -19.12 -4.08
C LYS B 157 -25.00 -18.06 -5.17
N ARG B 158 -26.06 -17.23 -5.26
CA ARG B 158 -26.16 -16.18 -6.26
C ARG B 158 -25.09 -15.11 -6.02
N PHE B 159 -24.76 -14.82 -4.75
CA PHE B 159 -23.72 -13.86 -4.44
C PHE B 159 -22.33 -14.42 -4.87
N GLN B 160 -22.07 -15.69 -4.56
CA GLN B 160 -20.82 -16.35 -4.93
C GLN B 160 -20.66 -16.40 -6.46
N GLN B 161 -21.76 -16.69 -7.21
CA GLN B 161 -21.69 -16.71 -8.68
C GLN B 161 -21.42 -15.29 -9.22
N PHE B 162 -22.06 -14.26 -8.62
CA PHE B 162 -21.82 -12.86 -9.01
C PHE B 162 -20.33 -12.50 -8.87
N ILE B 163 -19.74 -12.76 -7.69
CA ILE B 163 -18.34 -12.48 -7.39
C ILE B 163 -17.40 -13.18 -8.36
N ARG B 164 -17.54 -14.51 -8.50
CA ARG B 164 -16.69 -15.31 -9.38
C ARG B 164 -16.79 -14.82 -10.82
N LYS B 165 -17.97 -14.44 -11.26
CA LYS B 165 -18.19 -13.90 -12.61
C LYS B 165 -17.49 -12.54 -12.91
N VAL B 166 -17.71 -11.51 -12.06
CA VAL B 166 -17.15 -10.16 -12.29
C VAL B 166 -15.66 -10.06 -11.93
N THR B 167 -15.13 -11.02 -11.13
CA THR B 167 -13.71 -11.05 -10.78
C THR B 167 -12.92 -12.01 -11.67
N ARG B 168 -13.57 -12.75 -12.60
CA ARG B 168 -12.90 -13.68 -13.50
C ARG B 168 -11.87 -13.03 -14.45
N PRO B 169 -12.11 -11.84 -15.06
CA PRO B 169 -11.09 -11.28 -15.98
C PRO B 169 -9.73 -11.08 -15.33
N ALA B 170 -8.65 -11.27 -16.08
CA ALA B 170 -7.31 -11.10 -15.55
C ALA B 170 -7.03 -9.66 -15.07
N VAL B 171 -7.64 -8.62 -15.70
CA VAL B 171 -7.41 -7.25 -15.25
C VAL B 171 -7.90 -7.00 -13.83
N LEU B 172 -8.77 -7.87 -13.27
CA LEU B 172 -9.28 -7.77 -11.89
C LEU B 172 -8.50 -8.66 -10.89
N LYS B 173 -7.37 -9.27 -11.31
CA LYS B 173 -6.58 -10.19 -10.46
C LYS B 173 -6.29 -9.65 -9.04
N ARG B 174 -5.89 -8.36 -8.91
CA ARG B 174 -5.54 -7.71 -7.65
C ARG B 174 -6.73 -6.98 -7.00
N HIS B 175 -7.93 -7.04 -7.59
CA HIS B 175 -9.04 -6.22 -7.12
C HIS B 175 -10.29 -6.96 -6.70
N GLY B 176 -10.14 -7.99 -5.86
CA GLY B 176 -11.32 -8.62 -5.26
C GLY B 176 -11.92 -7.65 -4.24
N VAL B 177 -13.10 -7.96 -3.68
CA VAL B 177 -13.75 -7.07 -2.70
C VAL B 177 -12.85 -6.73 -1.50
N GLN B 178 -12.26 -7.74 -0.88
CA GLN B 178 -11.42 -7.56 0.31
C GLN B 178 -10.14 -6.79 -0.02
N GLU B 179 -9.58 -7.02 -1.21
CA GLU B 179 -8.38 -6.36 -1.71
C GLU B 179 -8.63 -4.90 -1.99
N CYS B 180 -9.83 -4.56 -2.51
CA CYS B 180 -10.15 -3.16 -2.78
C CYS B 180 -10.25 -2.40 -1.45
N ILE B 181 -10.85 -3.01 -0.42
CA ILE B 181 -11.01 -2.40 0.89
C ILE B 181 -9.66 -2.13 1.52
N LEU B 182 -8.68 -3.08 1.39
CA LEU B 182 -7.36 -2.86 1.96
C LEU B 182 -6.54 -1.85 1.13
N LEU B 183 -6.74 -1.81 -0.19
CA LEU B 183 -6.10 -0.81 -1.04
C LEU B 183 -6.50 0.63 -0.61
N VAL B 184 -7.81 0.83 -0.34
CA VAL B 184 -8.32 2.13 0.08
C VAL B 184 -7.77 2.54 1.45
N THR B 185 -7.81 1.64 2.45
CA THR B 185 -7.27 1.87 3.78
C THR B 185 -5.78 2.25 3.76
N GLN B 186 -4.99 1.56 2.91
CA GLN B 186 -3.56 1.85 2.84
C GLN B 186 -3.18 3.08 2.04
N ARG B 187 -4.12 3.66 1.28
CA ARG B 187 -3.83 4.81 0.44
C ARG B 187 -3.33 6.01 1.20
N ILE B 188 -4.01 6.36 2.29
CA ILE B 188 -3.66 7.56 3.04
C ILE B 188 -2.25 7.53 3.63
N THR B 189 -1.75 6.35 4.06
CA THR B 189 -0.42 6.27 4.63
C THR B 189 0.69 6.20 3.55
N LYS B 190 0.32 6.14 2.24
CA LYS B 190 1.28 6.21 1.14
C LYS B 190 1.72 7.68 0.90
N TYR B 191 0.86 8.67 1.23
CA TYR B 191 1.06 10.13 1.00
C TYR B 191 2.36 10.72 1.61
N PRO B 192 2.67 10.48 2.92
CA PRO B 192 3.92 11.05 3.48
C PRO B 192 5.18 10.51 2.80
N LEU B 193 5.20 9.23 2.42
CA LEU B 193 6.33 8.61 1.74
CA LEU B 193 6.35 8.64 1.74
C LEU B 193 6.60 9.29 0.39
N LEU B 194 5.54 9.50 -0.42
CA LEU B 194 5.64 10.13 -1.74
C LEU B 194 6.05 11.61 -1.59
N ILE B 195 5.31 12.38 -0.76
CA ILE B 195 5.59 13.79 -0.51
C ILE B 195 7.04 14.00 0.02
N SER B 196 7.54 13.13 0.95
CA SER B 196 8.89 13.30 1.47
CA SER B 196 8.91 13.32 1.46
CA SER B 196 8.90 13.31 1.47
C SER B 196 9.96 13.13 0.37
N ARG B 197 9.73 12.19 -0.56
CA ARG B 197 10.70 11.95 -1.62
C ARG B 197 10.63 13.08 -2.67
N ILE B 198 9.42 13.66 -2.89
CA ILE B 198 9.31 14.82 -3.79
C ILE B 198 10.15 16.00 -3.18
N LEU B 199 9.98 16.23 -1.87
CA LEU B 199 10.66 17.27 -1.12
C LEU B 199 12.19 17.11 -1.22
N GLN B 200 12.68 15.90 -1.10
CA GLN B 200 14.09 15.61 -1.20
C GLN B 200 14.73 16.13 -2.53
N HIS B 201 13.92 16.25 -3.60
CA HIS B 201 14.40 16.74 -4.88
C HIS B 201 13.81 18.11 -5.27
N SER B 202 13.35 18.88 -4.29
CA SER B 202 12.70 20.17 -4.54
C SER B 202 13.33 21.31 -3.78
N HIS B 203 14.65 21.24 -3.55
CA HIS B 203 15.35 22.32 -2.85
C HIS B 203 15.72 23.51 -3.77
N GLY B 204 15.68 23.30 -5.09
CA GLY B 204 16.01 24.33 -6.08
C GLY B 204 15.31 25.66 -5.91
N ILE B 205 14.00 25.62 -5.57
CA ILE B 205 13.20 26.82 -5.33
CA ILE B 205 13.21 26.81 -5.34
C ILE B 205 12.82 26.82 -3.86
N GLU B 206 13.32 27.79 -3.09
CA GLU B 206 13.06 27.83 -1.65
C GLU B 206 11.56 27.82 -1.32
N GLU B 207 10.76 28.59 -2.07
CA GLU B 207 9.31 28.60 -1.90
C GLU B 207 8.66 27.19 -2.06
N GLU B 208 9.15 26.38 -3.01
CA GLU B 208 8.58 25.06 -3.25
C GLU B 208 8.93 24.09 -2.12
N ARG B 209 10.14 24.17 -1.62
CA ARG B 209 10.58 23.38 -0.48
C ARG B 209 9.74 23.70 0.77
N GLN B 210 9.42 24.98 0.98
CA GLN B 210 8.61 25.39 2.12
C GLN B 210 7.17 24.87 2.01
N ASP B 211 6.58 24.95 0.80
CA ASP B 211 5.21 24.48 0.57
C ASP B 211 5.05 22.98 0.72
N LEU B 212 6.05 22.21 0.28
CA LEU B 212 6.03 20.76 0.40
C LEU B 212 6.23 20.35 1.85
N THR B 213 7.10 21.09 2.59
CA THR B 213 7.34 20.88 4.01
C THR B 213 6.04 21.12 4.80
N THR B 214 5.27 22.19 4.41
CA THR B 214 3.99 22.48 5.04
C THR B 214 2.98 21.36 4.74
N ALA B 215 2.86 20.96 3.46
CA ALA B 215 1.92 19.91 3.01
C ALA B 215 2.19 18.58 3.71
N LEU B 216 3.48 18.21 3.89
CA LEU B 216 3.88 16.98 4.57
C LEU B 216 3.38 17.04 6.01
N GLY B 217 3.55 18.19 6.67
CA GLY B 217 3.07 18.44 8.02
C GLY B 217 1.55 18.26 8.12
N LEU B 218 0.78 18.83 7.16
CA LEU B 218 -0.68 18.72 7.13
C LEU B 218 -1.14 17.25 6.94
N VAL B 219 -0.45 16.48 6.07
CA VAL B 219 -0.77 15.07 5.83
C VAL B 219 -0.59 14.27 7.13
N LYS B 220 0.51 14.53 7.85
CA LYS B 220 0.79 13.86 9.12
C LYS B 220 -0.25 14.19 10.18
N GLU B 221 -0.73 15.46 10.20
CA GLU B 221 -1.76 15.90 11.14
CA GLU B 221 -1.75 15.85 11.17
C GLU B 221 -3.05 15.12 10.85
N LEU B 222 -3.41 15.01 9.55
CA LEU B 222 -4.59 14.29 9.10
C LEU B 222 -4.50 12.81 9.55
N LEU B 223 -3.37 12.16 9.26
CA LEU B 223 -3.18 10.76 9.63
C LEU B 223 -3.30 10.54 11.12
N SER B 224 -2.70 11.41 11.94
CA SER B 224 -2.78 11.26 13.39
CA SER B 224 -2.76 11.29 13.39
C SER B 224 -4.22 11.43 13.87
N ASN B 225 -4.99 12.30 13.21
CA ASN B 225 -6.39 12.56 13.54
C ASN B 225 -7.25 11.36 13.17
N VAL B 226 -7.01 10.76 11.99
CA VAL B 226 -7.78 9.59 11.55
C VAL B 226 -7.46 8.40 12.48
N ASP B 227 -6.16 8.18 12.75
CA ASP B 227 -5.70 7.10 13.59
C ASP B 227 -6.36 7.11 14.97
N GLU B 228 -6.56 8.32 15.54
CA GLU B 228 -7.17 8.50 16.84
C GLU B 228 -8.69 8.37 16.85
N GLY B 229 -9.35 8.50 15.68
CA GLY B 229 -10.80 8.39 15.60
C GLY B 229 -11.32 7.03 15.19
N ILE B 230 -10.44 6.02 15.15
CA ILE B 230 -10.80 4.66 14.78
C ILE B 230 -11.11 3.78 15.99
N TYR B 231 -12.23 3.08 15.92
CA TYR B 231 -12.67 2.07 16.86
C TYR B 231 -13.44 1.04 15.99
N GLN B 232 -12.91 -0.20 15.83
CA GLN B 232 -13.55 -1.20 14.97
C GLN B 232 -14.96 -1.55 15.39
N LEU B 233 -15.91 -1.37 14.49
CA LEU B 233 -17.30 -1.72 14.73
C LEU B 233 -17.42 -3.23 14.58
N GLU B 234 -18.17 -3.85 15.47
CA GLU B 234 -18.38 -5.30 15.42
C GLU B 234 -19.87 -5.59 15.36
N LYS B 235 -20.30 -6.39 14.37
CA LYS B 235 -21.71 -6.72 14.25
C LYS B 235 -22.13 -7.60 15.42
N GLY B 236 -23.14 -7.16 16.15
CA GLY B 236 -23.63 -7.89 17.31
C GLY B 236 -22.96 -7.53 18.62
N ALA B 237 -22.12 -6.48 18.62
CA ALA B 237 -21.45 -6.04 19.84
C ALA B 237 -22.49 -5.44 20.80
N ARG B 238 -22.38 -5.81 22.05
CA ARG B 238 -23.28 -5.32 23.07
C ARG B 238 -22.69 -4.08 23.70
N LEU B 239 -23.56 -3.23 24.24
CA LEU B 239 -23.15 -1.99 24.89
CA LEU B 239 -23.13 -1.99 24.87
C LEU B 239 -22.11 -2.20 25.99
N GLN B 240 -22.26 -3.28 26.78
CA GLN B 240 -21.33 -3.60 27.87
C GLN B 240 -19.92 -3.82 27.31
N GLU B 241 -19.79 -4.51 26.16
CA GLU B 241 -18.49 -4.71 25.51
C GLU B 241 -17.89 -3.39 25.07
N ILE B 242 -18.74 -2.46 24.60
CA ILE B 242 -18.28 -1.16 24.15
C ILE B 242 -17.80 -0.28 25.28
N TYR B 243 -18.61 -0.05 26.36
CA TYR B 243 -18.15 0.83 27.44
C TYR B 243 -17.08 0.20 28.34
N ASN B 244 -16.80 -1.10 28.21
CA ASN B 244 -15.70 -1.72 28.95
C ASN B 244 -14.40 -1.76 28.09
N ARG B 245 -14.35 -1.02 26.96
CA ARG B 245 -13.17 -0.98 26.08
C ARG B 245 -11.96 -0.37 26.82
C01 Z6I C . -3.82 -3.41 20.38
C02 Z6I C . -2.76 -2.89 19.41
N03 Z6I C . -2.99 -2.00 18.45
N04 Z6I C . -1.84 -1.76 17.76
C05 Z6I C . -0.88 -2.49 18.28
C06 Z6I C . -1.41 -3.23 19.33
C07 Z6I C . -0.59 -4.21 20.19
C08 Z6I C . -0.88 -5.65 20.01
C09 Z6I C . 0.14 -6.50 20.77
N10 Z6I C . 0.26 -6.09 22.20
C11 Z6I C . 0.47 -4.63 22.42
C12 Z6I C . -0.51 -3.75 21.62
S DMS D . 20.45 -18.83 6.94
O DMS D . 21.06 -19.04 8.29
C1 DMS D . 20.75 -20.28 5.92
C2 DMS D . 21.48 -17.60 6.10
C FMT E . 19.29 -22.92 14.83
O1 FMT E . 19.10 -23.81 13.99
O2 FMT E . 20.23 -21.95 14.71
C FMT F . -0.25 -9.25 -10.69
O1 FMT F . -0.92 -9.15 -9.68
O2 FMT F . -0.48 -8.55 -11.84
C FMT G . 5.89 -1.13 16.11
O1 FMT G . 6.90 -0.62 16.56
O2 FMT G . 5.72 -2.47 16.04
C FMT H . -7.32 -11.12 17.81
O1 FMT H . -7.47 -9.97 18.24
O2 FMT H . -7.21 -11.48 16.49
C FMT I . -7.63 -6.00 13.12
O1 FMT I . -6.75 -6.78 12.77
O2 FMT I . -8.29 -5.19 12.26
S DMS J . 4.35 25.55 -21.66
O DMS J . 3.24 25.43 -20.65
C1 DMS J . 5.83 24.71 -21.03
C2 DMS J . 5.04 27.24 -21.50
S DMS K . 13.98 21.22 -7.94
O DMS K . 15.27 21.26 -7.21
C1 DMS K . 14.25 20.10 -9.31
C2 DMS K . 13.86 22.74 -8.93
S DMS L . -23.13 -21.87 -0.94
O DMS L . -22.53 -20.77 -1.78
C1 DMS L . -23.07 -23.41 -1.90
C2 DMS L . -24.94 -21.71 -0.98
S DMS M . 19.03 13.96 -17.41
O DMS M . 19.11 14.65 -18.75
C1 DMS M . 20.66 14.15 -16.64
C2 DMS M . 19.20 12.18 -17.70
C FMT N . 9.02 27.69 -10.11
O1 FMT N . 7.92 28.21 -10.13
O2 FMT N . 9.34 26.62 -9.34
C FMT O . 3.42 23.55 -12.58
O1 FMT O . 2.79 23.66 -11.54
O2 FMT O . 4.46 24.35 -12.92
C FMT P . 13.70 5.44 -2.32
O1 FMT P . 12.96 6.17 -1.65
O2 FMT P . 13.28 4.47 -3.19
C FMT Q . 8.35 10.81 5.94
O1 FMT Q . 8.29 11.60 6.88
O2 FMT Q . 7.45 9.82 5.68
C FMT R . -19.14 9.57 5.90
O1 FMT R . -18.71 10.14 6.88
O2 FMT R . -18.55 9.63 4.69
C FMT S . -1.66 26.03 6.19
O1 FMT S . -1.39 25.55 7.29
O2 FMT S . -2.87 25.92 5.57
C FMT T . -22.54 -0.79 14.11
O1 FMT T . -22.81 -1.44 13.11
O2 FMT T . -21.99 -1.31 15.24
C FMT U . 12.63 27.21 -12.92
O1 FMT U . 13.66 27.54 -12.35
O2 FMT U . 12.56 26.72 -14.19
#